data_6XUK
#
_entry.id   6XUK
#
_cell.length_a   64.936
_cell.length_b   64.936
_cell.length_c   244.109
_cell.angle_alpha   90.000
_cell.angle_beta   90.000
_cell.angle_gamma   90.000
#
_symmetry.space_group_name_H-M   'P 43 21 2'
#
loop_
_entity.id
_entity.type
_entity.pdbx_description
1 polymer 'Heavy chain'
2 polymer 'Light chain'
3 branched 'N-acetyl-alpha-neuraminic acid-(2-3)-beta-D-galactopyranose-(1-3)-[alpha-L-fucopyranose-(1-4)]2-acetamido-2-deoxy-beta-D-glucopyranose'
4 non-polymer GLYCEROL
5 water water
#
loop_
_entity_poly.entity_id
_entity_poly.type
_entity_poly.pdbx_seq_one_letter_code
_entity_poly.pdbx_strand_id
1 'polypeptide(L)'
;EVKLEESGGGLVQPGGSMKLSCAASGFTFSDAWMDWVRQSPEKGLEWVAEIGNKGNNHATYYAESVKGRFTVSRDDSKSR
VYLQMNSLRVEDTGTYYCAVRFAFWGQGTLVTVSAASTKGPSVFPLAPSSKSTSGGTAALGCLVKDYFPEPVTVSWNSGA
LTSGVHTFPAVLQSSGLYSLSSVVTVPSSSLGTQTYICNVNHKPSNTKVDKRVEPKSCDKTH
;
H
2 'polypeptide(L)'
;DIKMTQSPSSMYASLGERVTITCKASQDINSYLSWFQQKPGKPPKTLIYRANRLVPGVPSRFSGSGSGQDYSLTISSLEY
EDMGIYWCLQYDEFPRTWGGGTKLEIKRTVAAPSVFIFPPSDEQLKSGTASVVCLLNNFYPREAKVQWKVDNALQSGNSQ
ESVTEQDSKDSTYSLSSTLTLSKADYEKHKVYACEVTHQGLSSPVTKSFNRGEC
;
L
#
loop_
_chem_comp.id
_chem_comp.type
_chem_comp.name
_chem_comp.formula
FUC L-saccharide, alpha linking alpha-L-fucopyranose 'C6 H12 O5'
GAL D-saccharide, beta linking beta-D-galactopyranose 'C6 H12 O6'
GOL non-polymer GLYCEROL 'C3 H8 O3'
NAG D-saccharide, beta linking 2-acetamido-2-deoxy-beta-D-glucopyranose 'C8 H15 N O6'
SIA D-saccharide, alpha linking 'N-acetyl-alpha-neuraminic acid' 'C11 H19 N O9'
#
# COMPACT_ATOMS: atom_id res chain seq x y z
N GLU A 1 -27.74 3.22 -2.31
CA GLU A 1 -26.42 2.70 -1.88
C GLU A 1 -25.83 3.64 -0.83
N VAL A 2 -25.18 3.04 0.16
CA VAL A 2 -24.50 3.80 1.20
C VAL A 2 -23.24 4.40 0.62
N LYS A 3 -23.01 5.67 0.89
CA LYS A 3 -21.78 6.34 0.51
C LYS A 3 -21.24 7.14 1.69
N LEU A 4 -19.93 7.04 1.88
CA LEU A 4 -19.22 7.83 2.88
C LEU A 4 -17.99 8.44 2.23
N GLU A 5 -17.67 9.67 2.60
CA GLU A 5 -16.53 10.36 1.99
C GLU A 5 -15.85 11.25 3.00
N GLU A 6 -14.62 10.89 3.37
CA GLU A 6 -13.85 11.64 4.34
C GLU A 6 -13.10 12.75 3.63
N SER A 7 -12.97 13.87 4.33
CA SER A 7 -12.12 14.96 3.88
C SER A 7 -11.42 15.60 5.06
N GLY A 8 -10.43 16.44 4.74
CA GLY A 8 -9.78 17.26 5.74
C GLY A 8 -8.35 16.89 6.08
N GLY A 9 -7.85 15.78 5.55
CA GLY A 9 -6.49 15.33 5.81
C GLY A 9 -5.43 16.14 5.11
N GLY A 10 -4.20 15.71 5.29
CA GLY A 10 -3.03 16.32 4.71
C GLY A 10 -1.91 16.37 5.73
N LEU A 11 -0.93 17.22 5.46
CA LEU A 11 0.25 17.37 6.29
C LEU A 11 0.03 18.44 7.35
N VAL A 12 0.42 18.13 8.59
CA VAL A 12 0.26 19.06 9.69
C VAL A 12 1.45 18.85 10.64
N GLN A 13 1.86 19.93 11.28
CA GLN A 13 3.03 19.80 12.14
C GLN A 13 2.66 19.19 13.50
N PRO A 14 3.59 18.50 14.14
CA PRO A 14 3.37 18.07 15.52
C PRO A 14 2.94 19.23 16.41
N GLY A 15 1.95 18.96 17.27
CA GLY A 15 1.33 19.96 18.12
C GLY A 15 0.22 20.73 17.45
N GLY A 16 0.02 20.52 16.15
CA GLY A 16 -1.02 21.20 15.40
C GLY A 16 -2.36 20.53 15.55
N SER A 17 -3.33 21.10 14.85
CA SER A 17 -4.71 20.64 14.87
CA SER A 17 -4.70 20.62 14.87
C SER A 17 -5.19 20.42 13.45
N MET A 18 -6.16 19.52 13.28
CA MET A 18 -6.75 19.23 12.00
C MET A 18 -8.15 18.67 12.26
N LYS A 19 -9.10 19.06 11.43
CA LYS A 19 -10.49 18.59 11.56
C LYS A 19 -10.83 17.76 10.34
N LEU A 20 -11.25 16.50 10.57
CA LEU A 20 -11.72 15.63 9.51
C LEU A 20 -13.23 15.65 9.47
N SER A 21 -13.79 15.44 8.29
CA SER A 21 -15.22 15.45 8.08
C SER A 21 -15.58 14.23 7.24
N CYS A 22 -16.78 13.71 7.46
CA CYS A 22 -17.27 12.54 6.74
CA CYS A 22 -17.26 12.56 6.73
C CYS A 22 -18.69 12.84 6.29
N ALA A 23 -18.91 12.87 4.98
CA ALA A 23 -20.22 13.13 4.40
C ALA A 23 -20.86 11.80 4.08
N ALA A 24 -22.09 11.60 4.55
CA ALA A 24 -22.82 10.35 4.41
C ALA A 24 -24.10 10.51 3.61
N SER A 25 -24.46 9.43 2.93
CA SER A 25 -25.72 9.34 2.20
C SER A 25 -26.12 7.87 2.07
N GLY A 26 -27.40 7.66 1.79
CA GLY A 26 -27.91 6.33 1.48
C GLY A 26 -28.39 5.53 2.66
N PHE A 27 -28.55 6.16 3.82
CA PHE A 27 -29.13 5.52 4.99
C PHE A 27 -29.69 6.63 5.84
N THR A 28 -30.51 6.25 6.81
CA THR A 28 -31.07 7.22 7.75
C THR A 28 -30.00 7.60 8.77
N PHE A 29 -29.40 8.77 8.56
CA PHE A 29 -28.16 9.12 9.25
C PHE A 29 -28.38 9.23 10.75
N SER A 30 -29.51 9.81 11.17
CA SER A 30 -29.72 10.07 12.59
C SER A 30 -29.88 8.79 13.41
N ASP A 31 -30.24 7.69 12.77
CA ASP A 31 -30.33 6.42 13.48
C ASP A 31 -29.02 5.65 13.53
N ALA A 32 -27.98 6.13 12.85
CA ALA A 32 -26.74 5.39 12.74
C ALA A 32 -25.73 5.89 13.77
N TRP A 33 -25.04 4.94 14.38
CA TRP A 33 -23.83 5.21 15.12
C TRP A 33 -22.64 5.07 14.17
N MET A 34 -21.62 5.87 14.43
CA MET A 34 -20.52 6.10 13.50
C MET A 34 -19.19 6.00 14.23
N ASP A 35 -18.15 5.63 13.48
CA ASP A 35 -16.83 5.47 14.07
C ASP A 35 -15.76 6.05 13.17
N TRP A 36 -14.67 6.47 13.80
CA TRP A 36 -13.42 6.74 13.11
C TRP A 36 -12.43 5.65 13.47
N VAL A 37 -11.71 5.18 12.45
CA VAL A 37 -10.72 4.13 12.55
C VAL A 37 -9.52 4.59 11.74
N ARG A 38 -8.32 4.34 12.22
CA ARG A 38 -7.14 4.75 11.46
C ARG A 38 -6.25 3.56 11.19
N GLN A 39 -5.36 3.72 10.22
CA GLN A 39 -4.53 2.62 9.80
C GLN A 39 -3.14 3.11 9.48
N SER A 40 -2.14 2.30 9.84
CA SER A 40 -0.76 2.55 9.47
C SER A 40 -0.09 1.21 9.22
N PRO A 41 1.03 1.19 8.50
CA PRO A 41 1.80 -0.07 8.41
C PRO A 41 2.29 -0.56 9.77
N GLU A 42 2.64 0.37 10.66
CA GLU A 42 3.28 0.03 11.91
C GLU A 42 2.29 -0.64 12.88
N LYS A 43 1.06 -0.17 12.91
CA LYS A 43 0.13 -0.56 13.94
C LYS A 43 -1.09 -1.30 13.39
N GLY A 44 -1.21 -1.44 12.06
CA GLY A 44 -2.44 -2.00 11.53
C GLY A 44 -3.61 -1.06 11.75
N LEU A 45 -4.80 -1.65 11.85
CA LEU A 45 -6.00 -0.89 12.12
C LEU A 45 -6.17 -0.62 13.61
N GLU A 46 -6.63 0.58 13.90
CA GLU A 46 -6.86 1.00 15.28
C GLU A 46 -8.16 1.78 15.30
N TRP A 47 -9.08 1.33 16.14
CA TRP A 47 -10.28 2.11 16.43
C TRP A 47 -9.90 3.40 17.16
N VAL A 48 -10.50 4.52 16.77
CA VAL A 48 -10.19 5.84 17.29
C VAL A 48 -11.33 6.41 18.14
N ALA A 49 -12.54 6.45 17.58
CA ALA A 49 -13.64 7.11 18.29
C ALA A 49 -14.96 6.59 17.76
N GLU A 50 -15.98 6.68 18.61
CA GLU A 50 -17.34 6.29 18.25
C GLU A 50 -18.30 7.36 18.76
N ILE A 51 -19.33 7.62 17.98
CA ILE A 51 -20.46 8.46 18.43
C ILE A 51 -21.77 7.71 18.22
N GLY A 52 -22.57 7.65 19.29
CA GLY A 52 -23.83 6.93 19.23
C GLY A 52 -24.93 7.67 18.49
N ASN A 53 -26.05 6.97 18.33
CA ASN A 53 -27.27 7.57 17.81
C ASN A 53 -28.09 8.14 18.97
N LYS A 54 -29.38 8.42 18.74
CA LYS A 54 -30.19 8.99 19.81
C LYS A 54 -30.47 8.00 20.93
N GLY A 55 -30.39 6.70 20.63
CA GLY A 55 -30.71 5.68 21.61
C GLY A 55 -29.82 5.69 22.83
N ASN A 56 -28.61 6.23 22.72
CA ASN A 56 -27.75 6.41 23.88
C ASN A 56 -27.32 7.86 24.03
N ASN A 57 -28.15 8.80 23.55
CA ASN A 57 -27.89 10.25 23.67
C ASN A 57 -26.55 10.66 23.08
N HIS A 58 -26.23 10.10 21.91
CA HIS A 58 -25.00 10.44 21.18
C HIS A 58 -23.75 10.30 22.05
N ALA A 59 -23.75 9.25 22.87
CA ALA A 59 -22.59 8.96 23.70
C ALA A 59 -21.34 8.86 22.83
N THR A 60 -20.23 9.39 23.35
CA THR A 60 -18.96 9.32 22.65
C THR A 60 -17.94 8.51 23.42
N TYR A 61 -17.08 7.85 22.66
CA TYR A 61 -16.06 6.97 23.21
C TYR A 61 -14.79 7.14 22.39
N TYR A 62 -13.65 6.97 23.07
CA TYR A 62 -12.35 7.28 22.50
C TYR A 62 -11.33 6.21 22.87
N ALA A 63 -10.41 5.96 21.94
CA ALA A 63 -9.22 5.20 22.29
C ALA A 63 -8.40 5.97 23.32
N GLU A 64 -7.82 5.26 24.28
CA GLU A 64 -7.02 5.90 25.31
C GLU A 64 -5.93 6.78 24.72
N SER A 65 -5.35 6.37 23.58
CA SER A 65 -4.26 7.10 22.91
C SER A 65 -4.66 8.51 22.47
N VAL A 66 -5.95 8.80 22.31
CA VAL A 66 -6.38 10.08 21.79
C VAL A 66 -7.29 10.82 22.75
N LYS A 67 -7.60 10.23 23.89
CA LYS A 67 -8.51 10.87 24.83
C LYS A 67 -7.93 12.20 25.29
N GLY A 68 -8.77 13.22 25.32
CA GLY A 68 -8.36 14.56 25.71
C GLY A 68 -7.84 15.39 24.56
N ARG A 69 -7.52 14.76 23.44
CA ARG A 69 -6.98 15.45 22.27
C ARG A 69 -7.90 15.46 21.07
N PHE A 70 -8.67 14.39 20.88
CA PHE A 70 -9.60 14.25 19.77
C PHE A 70 -11.03 14.34 20.26
N THR A 71 -11.88 14.89 19.41
CA THR A 71 -13.31 14.98 19.71
C THR A 71 -14.10 14.54 18.49
N VAL A 72 -15.00 13.57 18.67
CA VAL A 72 -15.92 13.16 17.59
C VAL A 72 -17.24 13.90 17.80
N SER A 73 -17.84 14.39 16.72
CA SER A 73 -19.12 15.07 16.79
C SER A 73 -19.90 14.72 15.52
N ARG A 74 -21.16 15.14 15.47
CA ARG A 74 -21.98 14.88 14.29
C ARG A 74 -22.93 16.05 14.12
N ASP A 75 -23.36 16.24 12.86
CA ASP A 75 -24.42 17.19 12.54
C ASP A 75 -25.42 16.42 11.68
N ASP A 76 -26.54 16.02 12.30
CA ASP A 76 -27.52 15.22 11.59
C ASP A 76 -28.17 15.98 10.45
N SER A 77 -28.34 17.29 10.59
CA SER A 77 -28.93 18.08 9.52
C SER A 77 -28.07 18.10 8.27
N LYS A 78 -26.77 17.85 8.42
CA LYS A 78 -25.82 17.83 7.31
C LYS A 78 -25.41 16.42 6.91
N SER A 79 -25.87 15.41 7.64
CA SER A 79 -25.40 14.04 7.48
C SER A 79 -23.87 13.99 7.49
N ARG A 80 -23.28 14.65 8.49
CA ARG A 80 -21.83 14.63 8.64
C ARG A 80 -21.42 14.13 10.01
N VAL A 81 -20.28 13.42 10.06
CA VAL A 81 -19.56 13.12 11.29
C VAL A 81 -18.19 13.79 11.17
N TYR A 82 -17.65 14.21 12.30
CA TYR A 82 -16.42 14.99 12.33
C TYR A 82 -15.45 14.40 13.33
N LEU A 83 -14.17 14.63 13.11
CA LEU A 83 -13.14 14.33 14.09
C LEU A 83 -12.20 15.54 14.22
N GLN A 84 -12.28 16.22 15.34
CA GLN A 84 -11.38 17.33 15.63
C GLN A 84 -10.17 16.73 16.32
N MET A 85 -8.97 16.94 15.75
CA MET A 85 -7.74 16.39 16.33
C MET A 85 -6.86 17.55 16.76
N ASN A 86 -6.57 17.63 18.06
CA ASN A 86 -5.68 18.66 18.59
C ASN A 86 -4.40 18.00 19.11
N SER A 87 -3.40 18.84 19.37
CA SER A 87 -2.13 18.39 19.94
C SER A 87 -1.60 17.14 19.24
N LEU A 88 -1.54 17.22 17.90
CA LEU A 88 -1.24 16.04 17.10
C LEU A 88 0.19 15.57 17.32
N ARG A 89 0.35 14.27 17.23
CA ARG A 89 1.63 13.62 17.44
C ARG A 89 2.03 12.88 16.18
N VAL A 90 3.33 12.68 16.00
CA VAL A 90 3.82 11.91 14.86
C VAL A 90 3.09 10.58 14.73
N GLU A 91 2.85 9.89 15.85
CA GLU A 91 2.24 8.56 15.81
C GLU A 91 0.75 8.61 15.49
N ASP A 92 0.15 9.80 15.40
CA ASP A 92 -1.20 9.95 14.89
C ASP A 92 -1.25 9.86 13.35
N THR A 93 -0.10 9.83 12.70
CA THR A 93 -0.07 9.66 11.25
C THR A 93 -0.76 8.35 10.82
N GLY A 94 -1.54 8.45 9.77
CA GLY A 94 -2.21 7.28 9.24
C GLY A 94 -3.35 7.67 8.31
N THR A 95 -3.96 6.63 7.73
CA THR A 95 -5.15 6.80 6.92
C THR A 95 -6.35 6.69 7.84
N TYR A 96 -7.20 7.71 7.83
CA TYR A 96 -8.37 7.80 8.72
C TYR A 96 -9.63 7.52 7.93
N TYR A 97 -10.42 6.59 8.42
CA TYR A 97 -11.66 6.16 7.81
C TYR A 97 -12.82 6.48 8.71
N CYS A 98 -13.93 6.85 8.09
CA CYS A 98 -15.23 6.90 8.74
CA CYS A 98 -15.22 6.87 8.77
C CYS A 98 -16.01 5.64 8.37
N ALA A 99 -16.80 5.14 9.31
CA ALA A 99 -17.58 3.95 9.05
C ALA A 99 -18.95 4.08 9.70
N VAL A 100 -19.95 3.48 9.07
CA VAL A 100 -21.29 3.39 9.67
C VAL A 100 -21.51 1.98 10.19
N ARG A 101 -21.72 1.88 11.50
CA ARG A 101 -22.00 0.60 12.18
C ARG A 101 -20.95 -0.47 11.85
N PHE A 102 -19.71 -0.07 11.61
CA PHE A 102 -18.64 -0.98 11.16
C PHE A 102 -19.05 -1.83 9.96
N ALA A 103 -19.99 -1.34 9.17
CA ALA A 103 -20.55 -2.09 8.07
C ALA A 103 -20.21 -1.51 6.70
N PHE A 104 -20.01 -0.20 6.60
CA PHE A 104 -19.67 0.47 5.35
C PHE A 104 -18.65 1.54 5.67
N TRP A 105 -17.75 1.79 4.73
CA TRP A 105 -16.54 2.56 4.96
C TRP A 105 -16.34 3.60 3.88
N GLY A 106 -15.73 4.72 4.27
CA GLY A 106 -15.26 5.70 3.32
C GLY A 106 -13.97 5.26 2.67
N GLN A 107 -13.50 6.08 1.75
CA GLN A 107 -12.28 5.79 1.03
C GLN A 107 -11.01 6.10 1.82
N GLY A 108 -11.13 6.85 2.91
CA GLY A 108 -10.03 7.26 3.77
C GLY A 108 -9.43 8.59 3.39
N THR A 109 -8.83 9.23 4.40
CA THR A 109 -8.07 10.47 4.19
C THR A 109 -6.74 10.34 4.93
N LEU A 110 -5.64 10.64 4.24
CA LEU A 110 -4.31 10.45 4.82
C LEU A 110 -3.92 11.67 5.64
N VAL A 111 -3.58 11.41 6.90
CA VAL A 111 -3.12 12.43 7.85
C VAL A 111 -1.64 12.17 8.09
N THR A 112 -0.79 13.14 7.73
CA THR A 112 0.66 13.04 7.96
C THR A 112 1.03 14.10 8.98
N VAL A 113 1.45 13.68 10.17
CA VAL A 113 1.92 14.57 11.21
C VAL A 113 3.45 14.54 11.17
N SER A 114 4.04 15.64 10.72
CA SER A 114 5.48 15.68 10.50
C SER A 114 5.91 17.13 10.52
N ALA A 115 7.12 17.37 11.04
CA ALA A 115 7.72 18.70 10.96
C ALA A 115 8.32 19.01 9.61
N ALA A 116 8.41 18.02 8.72
CA ALA A 116 9.07 18.20 7.43
C ALA A 116 8.15 18.95 6.48
N SER A 117 8.77 19.69 5.55
CA SER A 117 8.05 20.49 4.59
C SER A 117 7.65 19.68 3.37
N THR A 118 6.56 20.12 2.75
CA THR A 118 6.17 19.60 1.45
C THR A 118 7.29 19.83 0.42
N LYS A 119 7.57 18.79 -0.36
CA LYS A 119 8.52 18.88 -1.46
C LYS A 119 8.05 18.04 -2.63
N GLY A 120 7.99 18.66 -3.82
CA GLY A 120 7.65 17.91 -5.01
C GLY A 120 8.81 17.09 -5.54
N PRO A 121 8.50 16.08 -6.35
CA PRO A 121 9.54 15.15 -6.81
C PRO A 121 10.31 15.68 -8.01
N SER A 122 11.49 15.10 -8.19
CA SER A 122 12.20 15.14 -9.46
C SER A 122 11.89 13.83 -10.18
N VAL A 123 11.74 13.88 -11.50
CA VAL A 123 11.40 12.69 -12.26
C VAL A 123 12.52 12.41 -13.25
N PHE A 124 13.15 11.26 -13.10
CA PHE A 124 14.30 10.88 -13.90
C PHE A 124 13.96 9.67 -14.76
N PRO A 125 14.51 9.58 -15.95
CA PRO A 125 14.22 8.41 -16.79
C PRO A 125 15.02 7.19 -16.35
N LEU A 126 14.40 6.02 -16.51
CA LEU A 126 15.02 4.70 -16.46
C LEU A 126 15.03 4.24 -17.91
N ALA A 127 16.11 4.50 -18.61
CA ALA A 127 16.05 4.42 -20.07
C ALA A 127 16.30 2.99 -20.52
N PRO A 128 15.63 2.54 -21.58
CA PRO A 128 15.83 1.16 -22.02
C PRO A 128 17.25 0.95 -22.52
N SER A 129 17.81 -0.21 -22.16
CA SER A 129 19.23 -0.48 -22.41
C SER A 129 19.50 -0.64 -23.90
N SER A 130 20.69 -0.18 -24.29
CA SER A 130 21.16 -0.32 -25.67
C SER A 130 21.48 -1.78 -26.02
N LYS A 131 21.77 -2.60 -25.02
CA LYS A 131 21.95 -4.04 -25.23
C LYS A 131 20.63 -4.73 -24.94
N SER A 132 20.32 -5.73 -25.76
CA SER A 132 18.92 -5.87 -26.16
C SER A 132 18.67 -7.06 -27.10
N THR A 133 19.45 -7.03 -28.19
CA THR A 133 18.95 -7.22 -29.55
C THR A 133 17.50 -7.72 -29.69
N SER A 134 16.79 -7.13 -30.66
CA SER A 134 15.34 -7.07 -30.69
C SER A 134 14.73 -8.40 -31.11
N GLY A 135 13.40 -8.43 -31.13
CA GLY A 135 12.69 -9.69 -30.97
C GLY A 135 12.60 -10.14 -29.53
N GLY A 136 13.17 -9.36 -28.60
CA GLY A 136 13.03 -9.59 -27.19
C GLY A 136 12.20 -8.52 -26.51
N THR A 137 12.33 -8.46 -25.19
CA THR A 137 11.56 -7.57 -24.34
C THR A 137 12.49 -6.60 -23.64
N ALA A 138 12.13 -5.34 -23.67
CA ALA A 138 12.86 -4.26 -23.02
C ALA A 138 12.06 -3.73 -21.85
N ALA A 139 12.77 -3.14 -20.90
CA ALA A 139 12.13 -2.45 -19.81
C ALA A 139 12.54 -0.99 -19.78
N LEU A 140 11.62 -0.14 -19.38
CA LEU A 140 11.89 1.28 -19.21
C LEU A 140 11.04 1.78 -18.06
N GLY A 141 11.36 2.98 -17.58
CA GLY A 141 10.61 3.48 -16.46
C GLY A 141 10.93 4.92 -16.10
N CYS A 142 10.38 5.31 -14.95
CA CYS A 142 10.62 6.61 -14.35
C CYS A 142 10.91 6.46 -12.87
N LEU A 143 11.89 7.23 -12.40
CA LEU A 143 12.27 7.25 -11.01
C LEU A 143 11.77 8.58 -10.47
N VAL A 144 10.84 8.51 -9.52
CA VAL A 144 10.19 9.67 -8.94
C VAL A 144 10.83 9.88 -7.58
N LYS A 145 11.78 10.82 -7.51
CA LYS A 145 12.71 10.91 -6.40
C LYS A 145 12.50 12.18 -5.57
N ASP A 146 12.59 12.00 -4.26
CA ASP A 146 12.77 13.10 -3.31
C ASP A 146 11.50 13.93 -3.15
N TYR A 147 10.42 13.31 -2.72
CA TYR A 147 9.18 14.02 -2.45
C TYR A 147 8.67 13.77 -1.04
N PHE A 148 7.80 14.68 -0.59
CA PHE A 148 7.21 14.55 0.74
C PHE A 148 5.95 15.41 0.77
N PRO A 149 4.85 14.95 1.40
CA PRO A 149 4.58 13.62 1.96
C PRO A 149 4.10 12.71 0.83
N GLU A 150 3.69 11.50 1.19
CA GLU A 150 2.98 10.66 0.27
C GLU A 150 1.61 11.28 0.00
N PRO A 151 0.94 10.90 -1.09
CA PRO A 151 1.35 9.92 -2.09
C PRO A 151 1.69 10.53 -3.43
N VAL A 152 2.24 9.72 -4.32
CA VAL A 152 2.41 10.03 -5.72
C VAL A 152 1.66 8.96 -6.51
N THR A 153 1.12 9.35 -7.67
CA THR A 153 0.58 8.40 -8.63
C THR A 153 1.32 8.52 -9.95
N VAL A 154 1.35 7.44 -10.69
CA VAL A 154 2.00 7.37 -11.99
C VAL A 154 1.09 6.63 -12.94
N SER A 155 0.92 7.18 -14.14
CA SER A 155 0.33 6.50 -15.28
C SER A 155 1.32 6.52 -16.43
N TRP A 156 1.05 5.71 -17.46
CA TRP A 156 1.83 5.70 -18.68
C TRP A 156 0.96 6.07 -19.87
N ASN A 157 1.48 6.95 -20.71
CA ASN A 157 0.78 7.36 -21.94
C ASN A 157 -0.64 7.81 -21.65
N SER A 158 -0.78 8.60 -20.59
CA SER A 158 -2.06 9.17 -20.16
C SER A 158 -3.13 8.10 -19.92
N GLY A 159 -2.67 6.94 -19.47
CA GLY A 159 -3.53 5.83 -19.16
C GLY A 159 -3.76 4.87 -20.30
N ALA A 160 -3.20 5.14 -21.48
CA ALA A 160 -3.38 4.26 -22.63
C ALA A 160 -2.53 2.99 -22.51
N LEU A 161 -1.46 3.02 -21.72
CA LEU A 161 -0.59 1.87 -21.52
C LEU A 161 -0.72 1.41 -20.08
N THR A 162 -1.27 0.21 -19.91
CA THR A 162 -1.43 -0.39 -18.58
C THR A 162 -0.83 -1.78 -18.46
N SER A 163 -0.87 -2.59 -19.52
CA SER A 163 -0.27 -3.91 -19.44
C SER A 163 1.24 -3.80 -19.28
N GLY A 164 1.77 -4.62 -18.41
CA GLY A 164 3.20 -4.60 -18.19
C GLY A 164 3.69 -3.56 -17.22
N VAL A 165 2.82 -2.69 -16.74
CA VAL A 165 3.25 -1.64 -15.83
C VAL A 165 3.36 -2.21 -14.42
N HIS A 166 4.45 -1.82 -13.74
CA HIS A 166 4.59 -2.05 -12.31
C HIS A 166 5.00 -0.73 -11.68
N THR A 167 4.16 -0.22 -10.79
CA THR A 167 4.47 0.97 -10.01
C THR A 167 4.66 0.53 -8.57
N PHE A 168 5.87 0.72 -8.06
CA PHE A 168 6.31 0.11 -6.82
C PHE A 168 5.94 0.95 -5.62
N PRO A 169 5.84 0.31 -4.46
CA PRO A 169 5.71 1.09 -3.22
C PRO A 169 6.88 2.03 -3.08
N ALA A 170 6.62 3.22 -2.59
CA ALA A 170 7.72 4.14 -2.30
C ALA A 170 8.56 3.63 -1.15
N VAL A 171 9.83 4.05 -1.13
CA VAL A 171 10.72 3.83 0.01
C VAL A 171 10.98 5.17 0.66
N LEU A 172 11.08 5.16 1.99
CA LEU A 172 11.48 6.35 2.74
C LEU A 172 12.99 6.33 2.88
N GLN A 173 13.63 7.33 2.29
CA GLN A 173 15.08 7.46 2.31
C GLN A 173 15.53 8.04 3.64
N SER A 174 16.83 7.91 3.91
CA SER A 174 17.36 8.45 5.16
C SER A 174 17.23 9.96 5.26
N SER A 175 17.09 10.64 4.14
CA SER A 175 16.83 12.08 4.12
C SER A 175 15.44 12.46 4.60
N GLY A 176 14.55 11.49 4.75
CA GLY A 176 13.18 11.77 5.12
C GLY A 176 12.28 12.05 3.95
N LEU A 177 12.78 11.89 2.73
CA LEU A 177 12.02 12.07 1.53
C LEU A 177 11.78 10.69 0.91
N TYR A 178 10.67 10.58 0.19
CA TYR A 178 10.30 9.33 -0.48
C TYR A 178 10.89 9.26 -1.87
N SER A 179 11.01 8.04 -2.36
CA SER A 179 11.37 7.77 -3.74
C SER A 179 10.60 6.55 -4.22
N LEU A 180 10.14 6.60 -5.47
CA LEU A 180 9.32 5.57 -6.05
C LEU A 180 9.75 5.35 -7.51
N SER A 181 9.65 4.11 -7.96
CA SER A 181 9.87 3.81 -9.37
C SER A 181 8.60 3.23 -10.00
N SER A 182 8.46 3.49 -11.30
CA SER A 182 7.42 2.87 -12.09
C SER A 182 8.06 2.40 -13.39
N VAL A 183 7.79 1.17 -13.80
CA VAL A 183 8.39 0.58 -14.98
C VAL A 183 7.33 -0.04 -15.86
N VAL A 184 7.71 -0.31 -17.10
CA VAL A 184 6.89 -1.05 -18.04
C VAL A 184 7.82 -1.88 -18.91
N THR A 185 7.38 -3.08 -19.26
CA THR A 185 8.08 -3.90 -20.24
C THR A 185 7.34 -3.81 -21.57
N VAL A 186 8.11 -3.72 -22.65
CA VAL A 186 7.60 -3.50 -24.00
C VAL A 186 8.49 -4.25 -24.98
N PRO A 187 8.02 -4.52 -26.19
CA PRO A 187 8.90 -5.16 -27.19
C PRO A 187 10.08 -4.26 -27.53
N SER A 188 11.27 -4.87 -27.57
CA SER A 188 12.44 -4.09 -27.93
C SER A 188 12.29 -3.52 -29.33
N SER A 189 11.57 -4.23 -30.20
CA SER A 189 11.41 -3.75 -31.57
C SER A 189 10.56 -2.49 -31.64
N SER A 190 9.81 -2.17 -30.59
CA SER A 190 8.96 -1.00 -30.55
C SER A 190 9.72 0.27 -30.18
N LEU A 191 10.97 0.16 -29.72
CA LEU A 191 11.61 1.31 -29.08
C LEU A 191 11.86 2.45 -30.04
N GLY A 192 12.07 2.15 -31.32
CA GLY A 192 12.28 3.21 -32.29
C GLY A 192 11.02 3.84 -32.84
N THR A 193 9.87 3.26 -32.54
CA THR A 193 8.60 3.65 -33.15
C THR A 193 7.55 4.09 -32.15
N GLN A 194 7.64 3.67 -30.89
CA GLN A 194 6.63 4.00 -29.89
C GLN A 194 7.19 5.01 -28.92
N THR A 195 6.34 5.92 -28.47
CA THR A 195 6.69 6.90 -27.45
C THR A 195 6.11 6.50 -26.11
N TYR A 196 6.92 6.68 -25.07
CA TYR A 196 6.57 6.28 -23.73
C TYR A 196 6.75 7.48 -22.82
N ILE A 197 5.67 7.86 -22.13
CA ILE A 197 5.62 9.04 -21.28
C ILE A 197 5.03 8.60 -19.95
N CYS A 198 5.74 8.87 -18.86
CA CYS A 198 5.15 8.63 -17.54
C CYS A 198 4.55 9.95 -17.05
N ASN A 199 3.33 9.85 -16.53
CA ASN A 199 2.57 10.99 -16.03
C ASN A 199 2.57 10.86 -14.52
N VAL A 200 3.29 11.76 -13.85
CA VAL A 200 3.49 11.74 -12.41
C VAL A 200 2.65 12.85 -11.79
N ASN A 201 1.90 12.52 -10.75
CA ASN A 201 1.14 13.52 -10.00
C ASN A 201 1.49 13.40 -8.53
N HIS A 202 1.97 14.48 -7.94
CA HIS A 202 2.17 14.64 -6.51
C HIS A 202 1.22 15.74 -6.03
N LYS A 203 -0.01 15.35 -5.74
CA LYS A 203 -1.01 16.32 -5.35
C LYS A 203 -0.61 17.12 -4.11
N PRO A 204 0.07 16.55 -3.12
CA PRO A 204 0.40 17.35 -1.93
C PRO A 204 1.22 18.61 -2.22
N SER A 205 2.01 18.63 -3.30
CA SER A 205 2.75 19.81 -3.72
C SER A 205 2.19 20.44 -4.98
N ASN A 206 1.05 19.98 -5.46
CA ASN A 206 0.48 20.45 -6.72
C ASN A 206 1.46 20.32 -7.87
N THR A 207 2.23 19.23 -7.90
CA THR A 207 3.25 19.00 -8.92
C THR A 207 2.77 17.92 -9.88
N LYS A 208 2.72 18.26 -11.18
CA LYS A 208 2.47 17.29 -12.24
C LYS A 208 3.65 17.35 -13.20
N VAL A 209 4.12 16.17 -13.62
CA VAL A 209 5.23 16.06 -14.57
C VAL A 209 4.87 14.99 -15.58
N ASP A 210 5.10 15.28 -16.87
CA ASP A 210 5.07 14.27 -17.92
C ASP A 210 6.49 14.11 -18.44
N LYS A 211 7.05 12.91 -18.29
CA LYS A 211 8.44 12.63 -18.65
C LYS A 211 8.44 11.62 -19.79
N ARG A 212 8.93 12.04 -20.95
CA ARG A 212 9.19 11.11 -22.04
C ARG A 212 10.50 10.36 -21.79
N VAL A 213 10.46 9.04 -21.95
CA VAL A 213 11.60 8.16 -21.71
C VAL A 213 11.99 7.54 -23.03
N GLU A 214 13.22 7.79 -23.45
CA GLU A 214 13.71 7.32 -24.73
C GLU A 214 15.06 6.55 -24.48
N PRO A 215 15.40 5.70 -25.45
CA PRO A 215 16.73 5.05 -25.33
C PRO A 215 17.87 6.06 -25.34
N LYS A 216 19.00 5.62 -24.76
CA LYS A 216 20.30 6.32 -24.80
C LYS A 216 20.25 7.59 -23.96
N ASP B 1 -7.76 -4.08 27.74
CA ASP B 1 -8.12 -4.20 26.32
C ASP B 1 -8.19 -5.67 25.96
N ILE B 2 -9.11 -6.00 25.07
CA ILE B 2 -9.25 -7.37 24.59
C ILE B 2 -8.27 -7.56 23.45
N LYS B 3 -7.38 -8.54 23.58
CA LYS B 3 -6.41 -8.82 22.53
C LYS B 3 -7.02 -9.79 21.54
N MET B 4 -6.92 -9.45 20.25
CA MET B 4 -7.40 -10.26 19.14
C MET B 4 -6.21 -10.81 18.38
N THR B 5 -6.17 -12.12 18.18
CA THR B 5 -5.06 -12.80 17.55
C THR B 5 -5.56 -13.59 16.35
N GLN B 6 -5.04 -13.27 15.17
CA GLN B 6 -5.39 -13.96 13.94
C GLN B 6 -4.31 -14.95 13.54
N SER B 7 -4.74 -16.03 12.89
CA SER B 7 -3.86 -17.07 12.42
CA SER B 7 -3.85 -17.05 12.43
C SER B 7 -4.41 -17.62 11.13
N PRO B 8 -3.56 -17.94 10.15
CA PRO B 8 -2.13 -17.64 10.11
C PRO B 8 -1.91 -16.16 9.79
N SER B 9 -0.68 -15.69 9.94
CA SER B 9 -0.41 -14.32 9.56
C SER B 9 -0.46 -14.15 8.04
N SER B 10 -0.14 -15.21 7.31
CA SER B 10 -0.17 -15.18 5.84
C SER B 10 -0.20 -16.60 5.35
N MET B 11 -0.77 -16.79 4.17
CA MET B 11 -0.88 -18.10 3.57
C MET B 11 -1.14 -17.95 2.08
N TYR B 12 -0.95 -19.06 1.39
CA TYR B 12 -1.29 -19.21 -0.02
C TYR B 12 -2.32 -20.32 -0.16
N ALA B 13 -3.17 -20.18 -1.18
CA ALA B 13 -4.12 -21.23 -1.54
C ALA B 13 -4.31 -21.21 -3.04
N SER B 14 -4.71 -22.36 -3.59
CA SER B 14 -4.94 -22.52 -5.01
C SER B 14 -6.37 -22.19 -5.39
N LEU B 15 -6.57 -21.80 -6.64
CA LEU B 15 -7.89 -21.46 -7.12
C LEU B 15 -8.87 -22.60 -6.86
N GLY B 16 -9.96 -22.25 -6.19
CA GLY B 16 -11.00 -23.18 -5.83
C GLY B 16 -10.86 -23.82 -4.46
N GLU B 17 -9.71 -23.68 -3.80
CA GLU B 17 -9.50 -24.39 -2.53
C GLU B 17 -10.33 -23.79 -1.41
N ARG B 18 -10.70 -24.66 -0.47
CA ARG B 18 -11.31 -24.18 0.78
C ARG B 18 -10.24 -23.52 1.65
N VAL B 19 -10.60 -22.41 2.26
CA VAL B 19 -9.70 -21.65 3.12
C VAL B 19 -10.41 -21.35 4.42
N THR B 20 -9.75 -21.63 5.55
CA THR B 20 -10.25 -21.28 6.86
C THR B 20 -9.16 -20.55 7.62
N ILE B 21 -9.53 -19.40 8.18
CA ILE B 21 -8.63 -18.58 8.99
C ILE B 21 -9.32 -18.30 10.33
N THR B 22 -8.51 -18.05 11.36
CA THR B 22 -9.05 -17.96 12.70
C THR B 22 -8.77 -16.60 13.35
N CYS B 23 -9.62 -16.26 14.30
CA CYS B 23 -9.48 -15.06 15.10
C CYS B 23 -9.90 -15.43 16.51
N LYS B 24 -9.03 -15.19 17.48
CA LYS B 24 -9.26 -15.56 18.86
C LYS B 24 -9.11 -14.35 19.75
N ALA B 25 -10.04 -14.19 20.67
CA ALA B 25 -10.06 -13.09 21.60
C ALA B 25 -9.53 -13.57 22.94
N SER B 26 -8.99 -12.64 23.73
CA SER B 26 -8.46 -12.99 25.05
C SER B 26 -9.53 -13.18 26.11
N GLN B 27 -10.80 -12.87 25.81
CA GLN B 27 -11.92 -13.23 26.66
C GLN B 27 -13.14 -13.42 25.78
N ASP B 28 -14.22 -13.99 26.37
CA ASP B 28 -15.48 -14.19 25.64
C ASP B 28 -15.98 -12.83 25.12
N ILE B 29 -16.23 -12.75 23.82
CA ILE B 29 -16.74 -11.51 23.22
C ILE B 29 -18.18 -11.63 22.72
N ASN B 30 -18.87 -12.72 23.05
CA ASN B 30 -20.31 -12.78 22.87
C ASN B 30 -20.73 -12.61 21.41
N SER B 31 -19.88 -13.12 20.50
CA SER B 31 -20.09 -13.10 19.06
C SER B 31 -20.18 -11.70 18.47
N TYR B 32 -19.70 -10.67 19.17
CA TYR B 32 -19.57 -9.33 18.59
C TYR B 32 -18.22 -9.24 17.88
N LEU B 33 -18.17 -9.90 16.72
CA LEU B 33 -16.95 -10.14 15.97
C LEU B 33 -17.29 -9.98 14.50
N SER B 34 -16.56 -9.12 13.81
CA SER B 34 -16.73 -8.93 12.38
C SER B 34 -15.46 -9.28 11.63
N TRP B 35 -15.64 -9.64 10.38
CA TRP B 35 -14.56 -9.95 9.46
C TRP B 35 -14.61 -9.00 8.27
N PHE B 36 -13.44 -8.65 7.76
CA PHE B 36 -13.27 -7.66 6.70
C PHE B 36 -12.21 -8.13 5.74
N GLN B 37 -12.35 -7.72 4.49
CA GLN B 37 -11.35 -7.93 3.46
C GLN B 37 -10.81 -6.58 3.06
N GLN B 38 -9.50 -6.50 2.82
CA GLN B 38 -8.91 -5.25 2.37
C GLN B 38 -7.89 -5.52 1.27
N LYS B 39 -8.01 -4.76 0.19
CA LYS B 39 -7.07 -4.76 -0.92
C LYS B 39 -6.11 -3.60 -0.74
N PRO B 40 -4.94 -3.66 -1.37
CA PRO B 40 -3.94 -2.61 -1.13
C PRO B 40 -4.43 -1.23 -1.56
N GLY B 41 -4.26 -0.25 -0.70
CA GLY B 41 -4.65 1.11 -1.03
C GLY B 41 -6.12 1.38 -0.93
N LYS B 42 -6.90 0.44 -0.42
CA LYS B 42 -8.34 0.55 -0.38
C LYS B 42 -8.83 0.38 1.04
N PRO B 43 -10.04 0.83 1.34
CA PRO B 43 -10.58 0.65 2.68
C PRO B 43 -10.93 -0.79 2.98
N PRO B 44 -11.10 -1.12 4.24
CA PRO B 44 -11.73 -2.40 4.57
C PRO B 44 -13.10 -2.49 3.93
N LYS B 45 -13.53 -3.72 3.65
CA LYS B 45 -14.88 -4.04 3.21
C LYS B 45 -15.42 -5.04 4.21
N THR B 46 -16.56 -4.76 4.82
CA THR B 46 -17.10 -5.71 5.79
C THR B 46 -17.72 -6.93 5.09
N LEU B 47 -17.31 -8.12 5.52
CA LEU B 47 -17.85 -9.37 5.00
C LEU B 47 -18.95 -9.94 5.88
N ILE B 48 -18.68 -10.00 7.19
CA ILE B 48 -19.47 -10.78 8.13
C ILE B 48 -19.51 -9.96 9.40
N TYR B 49 -20.68 -9.90 10.04
CA TYR B 49 -20.81 -9.26 11.33
C TYR B 49 -21.54 -10.21 12.28
N ARG B 50 -21.45 -9.90 13.58
CA ARG B 50 -21.98 -10.78 14.64
C ARG B 50 -21.62 -12.25 14.40
N ALA B 51 -20.34 -12.45 14.06
CA ALA B 51 -19.70 -13.75 13.89
C ALA B 51 -20.12 -14.51 12.64
N ASN B 52 -21.39 -14.46 12.26
CA ASN B 52 -21.85 -15.33 11.19
C ASN B 52 -22.91 -14.69 10.27
N ARG B 53 -23.16 -13.39 10.35
CA ARG B 53 -24.14 -12.73 9.50
C ARG B 53 -23.44 -12.10 8.28
N LEU B 54 -23.81 -12.53 7.10
CA LEU B 54 -23.19 -11.97 5.90
C LEU B 54 -23.76 -10.59 5.60
N VAL B 55 -22.88 -9.67 5.23
CA VAL B 55 -23.34 -8.35 4.77
C VAL B 55 -24.00 -8.51 3.41
N PRO B 56 -25.09 -7.82 3.14
CA PRO B 56 -25.69 -7.90 1.82
C PRO B 56 -24.68 -7.54 0.74
N GLY B 57 -24.67 -8.34 -0.31
CA GLY B 57 -23.80 -8.15 -1.46
C GLY B 57 -22.51 -8.94 -1.41
N VAL B 58 -22.23 -9.62 -0.31
CA VAL B 58 -21.04 -10.45 -0.14
C VAL B 58 -21.37 -11.86 -0.64
N PRO B 59 -20.50 -12.49 -1.41
CA PRO B 59 -20.82 -13.82 -1.95
C PRO B 59 -20.96 -14.88 -0.86
N SER B 60 -21.84 -15.84 -1.14
CA SER B 60 -22.17 -16.85 -0.16
CA SER B 60 -22.17 -16.86 -0.15
C SER B 60 -21.05 -17.86 0.09
N ARG B 61 -19.99 -17.86 -0.73
CA ARG B 61 -18.84 -18.69 -0.38
C ARG B 61 -18.18 -18.25 0.93
N PHE B 62 -18.48 -17.04 1.42
CA PHE B 62 -17.95 -16.59 2.71
C PHE B 62 -18.90 -17.01 3.82
N SER B 63 -18.34 -17.54 4.91
CA SER B 63 -19.15 -17.83 6.09
C SER B 63 -18.29 -17.66 7.32
N GLY B 64 -18.94 -17.39 8.45
CA GLY B 64 -18.27 -17.22 9.71
C GLY B 64 -18.84 -18.18 10.72
N SER B 65 -17.99 -18.55 11.69
CA SER B 65 -18.41 -19.46 12.76
CA SER B 65 -18.41 -19.46 12.76
C SER B 65 -17.68 -19.11 14.04
N GLY B 66 -18.15 -19.71 15.13
CA GLY B 66 -17.53 -19.57 16.42
C GLY B 66 -18.42 -18.91 17.44
N SER B 67 -17.92 -18.92 18.66
CA SER B 67 -18.57 -18.37 19.82
C SER B 67 -17.49 -18.23 20.90
N GLY B 68 -17.84 -17.55 21.97
CA GLY B 68 -16.95 -17.36 23.09
C GLY B 68 -15.73 -16.57 22.67
N GLN B 69 -14.57 -17.22 22.69
CA GLN B 69 -13.32 -16.58 22.31
C GLN B 69 -12.85 -16.95 20.92
N ASP B 70 -13.38 -18.00 20.30
CA ASP B 70 -12.76 -18.59 19.11
C ASP B 70 -13.66 -18.47 17.91
N TYR B 71 -13.16 -17.82 16.85
CA TYR B 71 -13.94 -17.50 15.66
C TYR B 71 -13.15 -17.89 14.42
N SER B 72 -13.87 -18.19 13.35
CA SER B 72 -13.22 -18.52 12.10
C SER B 72 -14.03 -17.98 10.93
N LEU B 73 -13.31 -17.64 9.85
CA LEU B 73 -13.87 -17.30 8.56
C LEU B 73 -13.49 -18.40 7.59
N THR B 74 -14.48 -18.89 6.82
CA THR B 74 -14.23 -19.86 5.78
C THR B 74 -14.66 -19.31 4.43
N ILE B 75 -13.78 -19.48 3.45
CA ILE B 75 -14.10 -19.33 2.04
C ILE B 75 -14.28 -20.75 1.50
N SER B 76 -15.51 -21.10 1.12
CA SER B 76 -15.75 -22.48 0.78
C SER B 76 -14.95 -22.93 -0.43
N SER B 77 -14.74 -22.01 -1.38
CA SER B 77 -13.98 -22.30 -2.58
C SER B 77 -13.43 -20.97 -3.09
N LEU B 78 -12.11 -20.83 -3.07
CA LEU B 78 -11.45 -19.55 -3.32
C LEU B 78 -11.61 -19.10 -4.76
N GLU B 79 -11.92 -17.83 -4.94
CA GLU B 79 -11.89 -17.18 -6.24
C GLU B 79 -10.70 -16.24 -6.32
N TYR B 80 -10.27 -15.94 -7.56
CA TYR B 80 -9.07 -15.13 -7.75
C TYR B 80 -9.18 -13.77 -7.08
N GLU B 81 -10.39 -13.16 -7.11
CA GLU B 81 -10.62 -11.85 -6.49
C GLU B 81 -10.54 -11.90 -4.96
N ASP B 82 -10.41 -13.06 -4.34
CA ASP B 82 -10.39 -13.16 -2.88
C ASP B 82 -9.02 -12.89 -2.26
N MET B 83 -8.00 -12.70 -3.07
CA MET B 83 -6.72 -12.31 -2.51
C MET B 83 -6.88 -10.98 -1.75
N GLY B 84 -6.08 -10.83 -0.70
CA GLY B 84 -6.08 -9.60 0.06
C GLY B 84 -5.72 -9.87 1.50
N ILE B 85 -6.00 -8.90 2.37
CA ILE B 85 -5.77 -9.04 3.81
C ILE B 85 -7.14 -9.14 4.50
N TYR B 86 -7.30 -10.13 5.39
CA TYR B 86 -8.51 -10.34 6.15
C TYR B 86 -8.27 -9.93 7.60
N TRP B 87 -9.16 -9.12 8.12
CA TRP B 87 -9.08 -8.59 9.47
C TRP B 87 -10.30 -9.00 10.28
N CYS B 88 -10.11 -9.10 11.59
CA CYS B 88 -11.23 -9.25 12.50
C CYS B 88 -11.26 -8.11 13.51
N LEU B 89 -12.47 -7.81 14.01
CA LEU B 89 -12.73 -6.72 14.95
C LEU B 89 -13.68 -7.24 16.01
N GLN B 90 -13.37 -6.96 17.27
CA GLN B 90 -14.34 -7.17 18.35
C GLN B 90 -14.97 -5.84 18.74
N TYR B 91 -16.27 -5.88 18.92
CA TYR B 91 -17.05 -4.71 19.34
C TYR B 91 -18.00 -5.11 20.46
N ASP B 92 -17.58 -6.05 21.31
CA ASP B 92 -18.32 -6.33 22.54
C ASP B 92 -18.10 -5.25 23.59
N GLU B 93 -16.92 -4.62 23.60
CA GLU B 93 -16.56 -3.62 24.61
C GLU B 93 -15.79 -2.48 23.96
N PHE B 94 -15.49 -1.48 24.76
CA PHE B 94 -14.57 -0.40 24.43
C PHE B 94 -13.30 -0.58 25.22
N PRO B 95 -12.13 -0.38 24.59
CA PRO B 95 -11.98 0.00 23.17
C PRO B 95 -12.33 -1.16 22.24
N ARG B 96 -12.86 -0.84 21.05
CA ARG B 96 -12.93 -1.84 20.01
C ARG B 96 -11.49 -2.18 19.61
N THR B 97 -11.22 -3.46 19.36
CA THR B 97 -9.86 -3.91 19.06
C THR B 97 -9.83 -4.86 17.87
N TRP B 98 -8.73 -4.79 17.14
CA TRP B 98 -8.54 -5.48 15.89
C TRP B 98 -7.49 -6.56 16.00
N GLY B 99 -7.66 -7.62 15.22
CA GLY B 99 -6.59 -8.56 14.98
C GLY B 99 -5.52 -7.93 14.09
N GLY B 100 -4.41 -8.66 13.96
CA GLY B 100 -3.27 -8.24 13.16
C GLY B 100 -3.31 -8.55 11.70
N GLY B 101 -4.36 -9.19 11.22
CA GLY B 101 -4.58 -9.50 9.81
C GLY B 101 -4.04 -10.85 9.38
N THR B 102 -4.68 -11.40 8.34
CA THR B 102 -4.19 -12.59 7.65
C THR B 102 -4.10 -12.26 6.17
N LYS B 103 -2.90 -12.37 5.61
CA LYS B 103 -2.73 -12.13 4.18
C LYS B 103 -2.98 -13.42 3.40
N LEU B 104 -3.83 -13.34 2.40
CA LEU B 104 -4.19 -14.48 1.58
C LEU B 104 -3.74 -14.20 0.16
N GLU B 105 -2.92 -15.08 -0.39
CA GLU B 105 -2.38 -14.96 -1.74
C GLU B 105 -2.66 -16.23 -2.51
N ILE B 106 -2.51 -16.15 -3.83
CA ILE B 106 -2.89 -17.22 -4.73
C ILE B 106 -1.66 -17.96 -5.25
N LYS B 107 -1.71 -19.29 -5.19
CA LYS B 107 -0.64 -20.13 -5.70
C LYS B 107 -0.62 -20.13 -7.23
N ARG B 108 0.57 -20.26 -7.77
CA ARG B 108 0.79 -20.34 -9.21
C ARG B 108 2.17 -20.96 -9.43
N THR B 109 2.49 -21.21 -10.69
CA THR B 109 3.74 -21.89 -10.97
C THR B 109 4.94 -20.98 -10.74
N VAL B 110 6.09 -21.62 -10.52
CA VAL B 110 7.35 -20.88 -10.38
C VAL B 110 7.64 -20.07 -11.64
N ALA B 111 8.14 -18.84 -11.42
CA ALA B 111 8.54 -17.95 -12.51
C ALA B 111 9.86 -17.30 -12.14
N ALA B 112 10.86 -17.45 -13.02
CA ALA B 112 12.13 -16.77 -12.79
C ALA B 112 11.99 -15.31 -13.23
N PRO B 113 12.60 -14.37 -12.52
CA PRO B 113 12.51 -12.97 -12.95
C PRO B 113 13.31 -12.70 -14.22
N SER B 114 12.84 -11.76 -15.02
CA SER B 114 13.72 -11.10 -15.98
C SER B 114 14.32 -9.92 -15.26
N VAL B 115 15.60 -9.65 -15.51
CA VAL B 115 16.34 -8.67 -14.72
C VAL B 115 16.84 -7.58 -15.65
N PHE B 116 16.77 -6.35 -15.17
CA PHE B 116 17.19 -5.19 -15.92
C PHE B 116 17.94 -4.25 -14.98
N ILE B 117 19.03 -3.68 -15.46
CA ILE B 117 19.77 -2.66 -14.69
C ILE B 117 19.70 -1.32 -15.42
N PHE B 118 19.56 -0.24 -14.65
CA PHE B 118 19.47 1.11 -15.20
C PHE B 118 20.54 2.00 -14.59
N PRO B 119 21.40 2.62 -15.38
CA PRO B 119 22.34 3.62 -14.86
C PRO B 119 21.61 4.86 -14.38
N PRO B 120 22.25 5.65 -13.52
CA PRO B 120 21.72 7.00 -13.26
C PRO B 120 21.67 7.81 -14.54
N SER B 121 20.65 8.65 -14.61
CA SER B 121 20.48 9.54 -15.74
C SER B 121 21.43 10.71 -15.66
N ASP B 122 21.78 11.24 -16.82
CA ASP B 122 22.60 12.44 -16.82
C ASP B 122 21.89 13.58 -16.11
N GLU B 123 20.56 13.64 -16.25
CA GLU B 123 19.79 14.68 -15.59
C GLU B 123 19.97 14.61 -14.08
N GLN B 124 19.94 13.41 -13.51
CA GLN B 124 20.10 13.33 -12.07
C GLN B 124 21.53 13.68 -11.65
N LEU B 125 22.51 13.20 -12.41
CA LEU B 125 23.90 13.46 -12.03
C LEU B 125 24.20 14.96 -11.91
N LYS B 126 23.50 15.78 -12.67
CA LYS B 126 23.75 17.22 -12.58
C LYS B 126 23.69 17.75 -11.13
N SER B 127 22.93 17.09 -10.25
CA SER B 127 22.70 17.64 -8.91
C SER B 127 23.34 16.84 -7.79
N GLY B 128 24.25 15.92 -8.09
CA GLY B 128 25.17 15.41 -7.08
C GLY B 128 24.95 14.00 -6.56
N THR B 129 23.86 13.34 -6.95
CA THR B 129 23.54 12.00 -6.49
C THR B 129 23.30 11.13 -7.71
N ALA B 130 23.64 9.86 -7.55
CA ALA B 130 23.44 8.82 -8.54
C ALA B 130 22.56 7.73 -7.94
N SER B 131 21.49 7.40 -8.62
CA SER B 131 20.66 6.25 -8.28
C SER B 131 20.78 5.22 -9.39
N VAL B 132 21.19 4.02 -9.02
CA VAL B 132 21.28 2.89 -9.92
C VAL B 132 20.13 1.95 -9.58
N VAL B 133 19.36 1.53 -10.58
CA VAL B 133 18.14 0.77 -10.31
C VAL B 133 18.24 -0.61 -10.94
N CYS B 134 17.81 -1.62 -10.19
CA CYS B 134 17.72 -2.99 -10.67
C CYS B 134 16.27 -3.44 -10.56
N LEU B 135 15.73 -3.89 -11.68
CA LEU B 135 14.36 -4.38 -11.78
C LEU B 135 14.38 -5.90 -11.93
N LEU B 136 13.59 -6.56 -11.09
CA LEU B 136 13.27 -7.98 -11.19
C LEU B 136 11.80 -8.09 -11.60
N ASN B 137 11.55 -8.49 -12.83
CA ASN B 137 10.22 -8.47 -13.39
C ASN B 137 9.59 -9.85 -13.39
N ASN B 138 8.42 -9.95 -12.74
CA ASN B 138 7.46 -11.06 -12.86
C ASN B 138 8.08 -12.39 -12.38
N PHE B 139 8.21 -12.50 -11.07
CA PHE B 139 8.77 -13.73 -10.51
C PHE B 139 7.82 -14.32 -9.47
N TYR B 140 8.01 -15.60 -9.17
CA TYR B 140 7.22 -16.29 -8.16
C TYR B 140 8.00 -17.54 -7.79
N PRO B 141 8.15 -17.87 -6.50
CA PRO B 141 7.60 -17.17 -5.33
C PRO B 141 8.34 -15.89 -4.98
N ARG B 142 7.94 -15.28 -3.87
CA ARG B 142 8.39 -13.91 -3.57
C ARG B 142 9.83 -13.81 -3.12
N GLU B 143 10.42 -14.89 -2.61
CA GLU B 143 11.76 -14.81 -2.04
C GLU B 143 12.77 -14.57 -3.17
N ALA B 144 13.53 -13.49 -3.07
CA ALA B 144 14.50 -13.14 -4.09
C ALA B 144 15.59 -12.36 -3.38
N LYS B 145 16.80 -12.46 -3.88
CA LYS B 145 17.91 -11.71 -3.30
C LYS B 145 18.58 -10.90 -4.39
N VAL B 146 18.78 -9.62 -4.11
CA VAL B 146 19.55 -8.72 -4.95
C VAL B 146 20.85 -8.42 -4.23
N GLN B 147 21.95 -8.57 -4.94
CA GLN B 147 23.26 -8.15 -4.45
C GLN B 147 23.85 -7.15 -5.44
N TRP B 148 24.21 -5.98 -4.94
CA TRP B 148 24.87 -4.96 -5.73
C TRP B 148 26.39 -5.03 -5.58
N LYS B 149 27.08 -4.87 -6.70
CA LYS B 149 28.54 -4.79 -6.70
C LYS B 149 28.97 -3.61 -7.54
N VAL B 150 30.01 -2.94 -7.09
CA VAL B 150 30.63 -1.80 -7.77
C VAL B 150 32.11 -2.13 -7.87
N ASP B 151 32.61 -2.31 -9.08
CA ASP B 151 33.98 -2.79 -9.29
C ASP B 151 34.27 -3.97 -8.36
N ASN B 152 33.30 -4.89 -8.30
CA ASN B 152 33.37 -6.15 -7.57
C ASN B 152 33.33 -6.00 -6.05
N ALA B 153 33.11 -4.79 -5.53
CA ALA B 153 32.93 -4.56 -4.11
C ALA B 153 31.45 -4.74 -3.76
N LEU B 154 31.17 -5.64 -2.83
CA LEU B 154 29.79 -5.86 -2.42
C LEU B 154 29.28 -4.64 -1.66
N GLN B 155 28.14 -4.12 -2.09
CA GLN B 155 27.53 -2.95 -1.42
C GLN B 155 26.54 -3.42 -0.37
N SER B 156 26.62 -2.81 0.81
CA SER B 156 25.72 -3.16 1.89
C SER B 156 25.34 -1.88 2.60
N GLY B 157 24.05 -1.71 2.82
CA GLY B 157 23.55 -0.59 3.60
C GLY B 157 23.17 0.63 2.79
N ASN B 158 23.44 0.61 1.49
CA ASN B 158 23.20 1.74 0.61
C ASN B 158 22.20 1.45 -0.49
N SER B 159 21.32 0.48 -0.26
CA SER B 159 20.25 0.17 -1.18
C SER B 159 18.94 0.05 -0.42
N GLN B 160 17.85 0.26 -1.17
CA GLN B 160 16.51 -0.01 -0.68
C GLN B 160 15.70 -0.64 -1.79
N GLU B 161 14.73 -1.46 -1.40
CA GLU B 161 13.92 -2.15 -2.39
C GLU B 161 12.46 -2.17 -1.96
N SER B 162 11.59 -2.37 -2.96
CA SER B 162 10.20 -2.65 -2.65
C SER B 162 9.64 -3.58 -3.71
N VAL B 163 8.46 -4.14 -3.40
CA VAL B 163 7.90 -5.26 -4.15
C VAL B 163 6.42 -4.97 -4.41
N THR B 164 5.96 -5.37 -5.58
CA THR B 164 4.55 -5.31 -5.87
C THR B 164 3.79 -6.52 -5.31
N GLU B 165 2.50 -6.37 -5.23
CA GLU B 165 1.60 -7.42 -4.79
C GLU B 165 0.95 -8.07 -6.00
N GLN B 166 0.39 -9.25 -5.77
CA GLN B 166 -0.53 -9.81 -6.75
C GLN B 166 -1.76 -8.91 -6.86
N ASP B 167 -2.37 -8.91 -8.02
CA ASP B 167 -3.60 -8.12 -8.24
C ASP B 167 -4.41 -8.74 -9.38
N SER B 168 -5.40 -8.00 -9.87
CA SER B 168 -6.28 -8.58 -10.86
C SER B 168 -5.57 -8.89 -12.18
N LYS B 169 -4.42 -8.27 -12.44
CA LYS B 169 -3.69 -8.47 -13.69
C LYS B 169 -2.46 -9.34 -13.52
N ASP B 170 -1.91 -9.46 -12.32
CA ASP B 170 -0.63 -10.12 -12.12
C ASP B 170 -0.69 -11.10 -10.96
N SER B 171 -0.25 -12.32 -11.18
CA SER B 171 -0.10 -13.31 -10.12
C SER B 171 1.35 -13.48 -9.70
N THR B 172 2.28 -12.80 -10.38
CA THR B 172 3.69 -12.77 -10.00
C THR B 172 3.98 -11.50 -9.21
N TYR B 173 5.19 -11.44 -8.69
CA TYR B 173 5.74 -10.29 -8.00
C TYR B 173 6.76 -9.62 -8.90
N SER B 174 7.00 -8.33 -8.65
CA SER B 174 8.13 -7.63 -9.24
C SER B 174 8.80 -6.85 -8.11
N LEU B 175 10.09 -6.55 -8.33
CA LEU B 175 10.91 -5.94 -7.29
C LEU B 175 11.80 -4.87 -7.92
N SER B 176 11.88 -3.72 -7.26
CA SER B 176 12.76 -2.62 -7.68
C SER B 176 13.72 -2.36 -6.53
N SER B 177 15.02 -2.36 -6.84
CA SER B 177 16.06 -1.98 -5.89
C SER B 177 16.83 -0.77 -6.39
N THR B 178 17.07 0.18 -5.50
CA THR B 178 17.85 1.37 -5.83
C THR B 178 19.11 1.40 -4.98
N LEU B 179 20.27 1.46 -5.65
CA LEU B 179 21.54 1.69 -5.00
C LEU B 179 21.83 3.19 -5.13
N THR B 180 22.16 3.84 -4.02
CA THR B 180 22.42 5.27 -4.01
C THR B 180 23.89 5.51 -3.72
N LEU B 181 24.53 6.31 -4.57
CA LEU B 181 25.90 6.72 -4.36
C LEU B 181 25.98 8.22 -4.60
N SER B 182 27.03 8.84 -4.09
CA SER B 182 27.30 10.21 -4.48
C SER B 182 27.81 10.23 -5.91
N LYS B 183 27.62 11.36 -6.58
CA LYS B 183 28.15 11.51 -7.94
C LYS B 183 29.66 11.29 -7.93
N ALA B 184 30.35 11.81 -6.92
CA ALA B 184 31.81 11.68 -6.87
C ALA B 184 32.20 10.20 -6.82
N ASP B 185 31.51 9.43 -5.99
CA ASP B 185 31.82 8.01 -5.88
C ASP B 185 31.42 7.26 -7.15
N TYR B 186 30.26 7.63 -7.74
CA TYR B 186 29.83 6.99 -8.99
C TYR B 186 30.90 7.14 -10.08
N GLU B 187 31.47 8.33 -10.21
CA GLU B 187 32.44 8.61 -11.25
C GLU B 187 33.80 7.98 -10.99
N LYS B 188 34.04 7.45 -9.78
CA LYS B 188 35.30 6.79 -9.47
C LYS B 188 35.31 5.31 -9.85
N HIS B 189 34.19 4.77 -10.32
CA HIS B 189 34.11 3.33 -10.54
C HIS B 189 33.50 3.04 -11.91
N LYS B 190 33.76 1.83 -12.39
CA LYS B 190 33.41 1.46 -13.75
C LYS B 190 32.24 0.47 -13.83
N VAL B 191 32.35 -0.67 -13.17
CA VAL B 191 31.42 -1.79 -13.38
C VAL B 191 30.36 -1.80 -12.28
N TYR B 192 29.11 -1.61 -12.69
CA TYR B 192 27.94 -1.59 -11.80
C TYR B 192 27.15 -2.85 -12.11
N ALA B 193 26.93 -3.69 -11.10
CA ALA B 193 26.30 -4.98 -11.30
C ALA B 193 25.24 -5.26 -10.26
N CYS B 194 24.16 -5.85 -10.75
CA CYS B 194 23.05 -6.35 -9.94
C CYS B 194 23.02 -7.87 -10.15
N GLU B 195 23.19 -8.64 -9.07
CA GLU B 195 23.17 -10.09 -9.13
C GLU B 195 21.92 -10.58 -8.40
N VAL B 196 21.14 -11.41 -9.08
CA VAL B 196 19.84 -11.84 -8.57
C VAL B 196 19.84 -13.35 -8.37
N THR B 197 19.40 -13.76 -7.19
CA THR B 197 19.20 -15.15 -6.86
C THR B 197 17.71 -15.40 -6.67
N HIS B 198 17.22 -16.48 -7.26
CA HIS B 198 15.81 -16.84 -7.19
C HIS B 198 15.67 -18.30 -7.56
N GLN B 199 14.69 -18.97 -6.93
CA GLN B 199 14.53 -20.41 -7.10
C GLN B 199 14.30 -20.81 -8.56
N GLY B 200 13.73 -19.94 -9.37
CA GLY B 200 13.47 -20.26 -10.76
C GLY B 200 14.69 -20.15 -11.66
N LEU B 201 15.81 -19.67 -11.13
CA LEU B 201 17.06 -19.53 -11.88
C LEU B 201 18.01 -20.66 -11.49
N SER B 202 18.59 -21.33 -12.49
CA SER B 202 19.56 -22.40 -12.27
C SER B 202 20.76 -21.89 -11.47
N SER B 203 21.15 -20.65 -11.70
CA SER B 203 22.33 -20.03 -11.11
C SER B 203 21.97 -18.53 -11.07
N PRO B 204 22.62 -17.77 -10.16
CA PRO B 204 22.29 -16.33 -10.13
C PRO B 204 22.56 -15.64 -11.45
N VAL B 205 21.72 -14.65 -11.74
CA VAL B 205 21.81 -13.86 -12.95
C VAL B 205 22.39 -12.50 -12.60
N THR B 206 23.41 -12.08 -13.36
CA THR B 206 23.97 -10.76 -13.19
C THR B 206 23.72 -9.88 -14.40
N LYS B 207 23.22 -8.67 -14.15
CA LYS B 207 23.12 -7.66 -15.19
C LYS B 207 24.03 -6.54 -14.80
N SER B 208 24.77 -6.01 -15.76
CA SER B 208 25.73 -4.98 -15.41
C SER B 208 25.87 -3.98 -16.54
N PHE B 209 26.43 -2.83 -16.19
CA PHE B 209 26.90 -1.86 -17.17
C PHE B 209 28.24 -1.29 -16.75
N ASN B 210 28.98 -0.77 -17.73
CA ASN B 210 30.19 0.02 -17.51
C ASN B 210 29.85 1.49 -17.66
N ARG B 211 30.12 2.28 -16.63
CA ARG B 211 29.86 3.71 -16.65
C ARG B 211 30.52 4.34 -17.87
N GLY B 212 29.74 5.13 -18.60
CA GLY B 212 30.25 5.85 -19.74
C GLY B 212 30.46 5.05 -21.00
N GLU B 213 29.88 3.86 -21.09
CA GLU B 213 29.96 3.06 -22.31
C GLU B 213 28.55 2.81 -22.83
N CYS B 214 28.30 3.24 -24.05
CA CYS B 214 27.03 3.09 -24.74
C CYS B 214 26.59 1.65 -24.83
C1 NAG C . -29.95 1.18 18.40
C2 NAG C . -28.73 0.58 17.72
C3 NAG C . -27.89 -0.19 18.72
C4 NAG C . -27.49 0.74 19.86
C5 NAG C . -28.74 1.39 20.47
C6 NAG C . -28.42 2.42 21.53
C7 NAG C . -28.81 0.07 15.34
C8 NAG C . -29.28 -0.88 14.28
N2 NAG C . -29.11 -0.26 16.60
O1 NAG C . -30.61 1.93 17.44
O3 NAG C . -26.76 -0.71 18.03
O4 NAG C . -26.82 0.00 20.82
O5 NAG C . -29.53 2.04 19.46
O6 NAG C . -27.76 3.56 20.99
O7 NAG C . -28.14 1.07 15.07
H1 NAG C . -30.51 0.47 18.76
H2 NAG C . -28.19 1.31 17.38
H3 NAG C . -28.37 -0.94 19.13
H4 NAG C . -26.90 1.44 19.52
H5 NAG C . -29.28 0.67 20.86
H61 NAG C . -27.84 2.02 22.21
H62 NAG C . -29.25 2.71 21.94
H81 NAG C . -29.17 -1.80 14.59
H82 NAG C . -28.77 -0.76 13.46
H83 NAG C . -30.23 -0.72 14.10
HN2 NAG C . -29.58 -1.03 16.76
HO1 NAG C . -31.39 2.19 17.76
HO6 NAG C . -28.32 4.00 20.47
C1 GAL C . -26.75 -2.08 17.89
C2 GAL C . -25.72 -2.34 16.79
C3 GAL C . -25.43 -3.81 16.61
C4 GAL C . -25.11 -4.44 17.94
C5 GAL C . -26.28 -4.20 18.89
C6 GAL C . -26.18 -4.85 20.28
O2 GAL C . -26.20 -1.84 15.56
O3 GAL C . -24.24 -3.95 15.79
O4 GAL C . -23.94 -3.88 18.53
O5 GAL C . -26.42 -2.78 19.06
O6 GAL C . -26.47 -6.24 20.14
H1 GAL C . -27.75 -2.37 17.54
H2 GAL C . -24.78 -1.87 17.11
H3 GAL C . -26.30 -4.32 16.18
H4 GAL C . -24.97 -5.52 17.78
H5 GAL C . -27.22 -4.63 18.47
H61 GAL C . -26.89 -4.40 20.98
H62 GAL C . -25.17 -4.74 20.69
HO2 GAL C . -25.44 -1.77 14.96
HO4 GAL C . -23.27 -4.60 18.44
C1 SIA C . -24.63 -6.11 14.88
C2 SIA C . -24.34 -4.59 14.58
C3 SIA C . -23.06 -4.28 13.78
C4 SIA C . -23.22 -4.65 12.30
C5 SIA C . -24.50 -4.07 11.66
C6 SIA C . -25.68 -4.47 12.57
C7 SIA C . -27.04 -3.94 12.08
C8 SIA C . -28.14 -4.42 13.06
C9 SIA C . -29.53 -4.19 12.51
C10 SIA C . -25.04 -3.71 9.31
C11 SIA C . -25.09 -4.34 7.93
N5 SIA C . -24.67 -4.54 10.29
O1A SIA C . -23.67 -6.82 15.16
O1B SIA C . -25.85 -6.42 14.87
O4 SIA C . -22.08 -4.16 11.55
O6 SIA C . -25.43 -3.96 13.89
O7 SIA C . -27.07 -2.53 12.02
O8 SIA C . -28.01 -5.79 13.40
O9 SIA C . -30.49 -4.37 13.55
O10 SIA C . -25.29 -2.53 9.44
H32 SIA C . -22.83 -3.21 13.88
H31 SIA C . -22.23 -4.84 14.20
H4 SIA C . -23.33 -5.73 12.23
H5 SIA C . -24.47 -2.99 11.51
H6 SIA C . -25.82 -5.55 12.60
H7 SIA C . -27.20 -4.28 11.05
H8 SIA C . -27.96 -3.86 13.98
H92 SIA C . -29.69 -4.89 11.67
H91 SIA C . -29.57 -3.17 12.08
H111 SIA C . -24.22 -4.01 7.36
H113 SIA C . -26.01 -4.03 7.44
H112 SIA C . -25.07 -5.43 8.05
HN5 SIA C . -24.49 -5.52 10.11
HO4 SIA C . -21.34 -4.73 11.78
HO7 SIA C . -27.43 -2.38 11.12
HO8 SIA C . -28.63 -5.96 14.12
HO9 SIA C . -31.34 -4.03 13.23
C1 FUC C . -25.73 0.64 21.38
C2 FUC C . -25.31 -0.16 22.58
C3 FUC C . -24.67 -1.52 22.19
C4 FUC C . -23.51 -1.30 21.24
C5 FUC C . -24.04 -0.48 20.06
C6 FUC C . -22.96 -0.07 19.08
O2 FUC C . -26.38 -0.37 23.47
O3 FUC C . -24.13 -2.16 23.39
O4 FUC C . -22.44 -0.60 21.90
O5 FUC C . -24.64 0.76 20.51
H1 FUC C . -26.04 1.65 21.67
H2 FUC C . -24.52 0.42 23.09
H3 FUC C . -25.42 -2.14 21.71
H4 FUC C . -23.12 -2.26 20.86
H5 FUC C . -24.80 -1.10 19.58
H61 FUC C . -22.18 0.49 19.59
H62 FUC C . -23.39 0.56 18.29
H63 FUC C . -22.51 -0.96 18.61
HO2 FUC C . -26.20 0.16 24.26
HO3 FUC C . -24.41 -3.09 23.34
HO4 FUC C . -21.77 -1.31 22.05
C1 GOL D . 4.60 -19.66 -1.88
O1 GOL D . 5.83 -19.17 -1.51
C2 GOL D . 4.83 -20.69 -2.96
O2 GOL D . 6.04 -21.34 -2.82
C3 GOL D . 3.60 -21.62 -2.84
O3 GOL D . 3.05 -21.68 -4.16
H11 GOL D . 4.12 -20.07 -1.12
H12 GOL D . 4.00 -18.96 -2.20
HO1 GOL D . 6.40 -19.77 -1.73
H2 GOL D . 4.88 -20.29 -3.84
HO2 GOL D . 6.16 -21.79 -3.54
H31 GOL D . 3.87 -22.48 -2.50
H32 GOL D . 2.98 -21.26 -2.18
HO3 GOL D . 2.59 -20.99 -4.27
C1 GOL E . 10.92 1.58 -5.68
O1 GOL E . 9.75 2.41 -5.50
C2 GOL E . 12.15 2.33 -5.46
O2 GOL E . 12.15 3.34 -4.70
C3 GOL E . 13.24 1.24 -5.05
O3 GOL E . 13.79 0.98 -6.25
H11 GOL E . 10.96 1.19 -6.55
H12 GOL E . 10.92 0.83 -5.06
HO1 GOL E . 9.36 2.15 -4.81
H2 GOL E . 12.33 2.76 -6.31
HO2 GOL E . 11.98 4.03 -5.20
H31 GOL E . 12.81 0.47 -4.62
H32 GOL E . 13.85 1.60 -4.39
HO3 GOL E . 14.42 1.51 -6.34
#